data_5QTY
#
_entry.id   5QTY
#
_cell.length_a   78.530
_cell.length_b   78.530
_cell.length_c   105.950
_cell.angle_alpha   90.000
_cell.angle_beta   90.000
_cell.angle_gamma   120.000
#
_symmetry.space_group_name_H-M   'P 32 2 1'
#
loop_
_entity.id
_entity.type
_entity.pdbx_description
1 polymer 'Coagulation factor XI'
2 non-polymer 'ethyl (2R,7S)-7-({(2E)-3-[5-chloro-2-(1H-tetrazol-1-yl)phenyl]prop-2-enoyl}amino)-15-[(methoxycarbonyl)amino]-2,3,4,5,6,7-hexahydro-1H-12,8-(metheno)-1,9-benzodiazacyclotetradecine-2-carboxylate'
3 non-polymer 'SULFATE ION'
4 non-polymer 1,2-ETHANEDIOL
5 water water
#
_entity_poly.entity_id   1
_entity_poly.type   'polypeptide(L)'
_entity_poly.pdbx_seq_one_letter_code
;IVGGTASVRGEWPWQVTLHTTSPTQRHLCGGSIIGNQWILTAAHCFYGVESPKILRVYSGILNQSEIKEDTSFFGVQEII
IHDQYKMAESGYDIALLKLETTVGYGDSQRPICLPSKGDRNVIYTDCWVTGWGYRKLRDKIQNTLQKAKIPLVTNEECQK
RYRGHKITHKMICAGYREGGKDACKGDSGGPLSCKHNEVWHLVGITSWGEGCAQRERPGVYTNVVEYVDWILEKTQAVHH
HHHH
;
_entity_poly.pdbx_strand_id   A
#
loop_
_chem_comp.id
_chem_comp.type
_chem_comp.name
_chem_comp.formula
EDO non-polymer 1,2-ETHANEDIOL 'C2 H6 O2'
QLJ non-polymer 'ethyl (2R,7S)-7-({(2E)-3-[5-chloro-2-(1H-tetrazol-1-yl)phenyl]prop-2-enoyl}amino)-15-[(methoxycarbonyl)amino]-2,3,4,5,6,7-hexahydro-1H-12,8-(metheno)-1,9-benzodiazacyclotetradecine-2-carboxylate' 'C32 H33 Cl N8 O5'
SO4 non-polymer 'SULFATE ION' 'O4 S -2'
#
# COMPACT_ATOMS: atom_id res chain seq x y z
N ILE A 1 5.53 3.44 -9.65
CA ILE A 1 4.26 3.65 -10.36
C ILE A 1 4.58 3.87 -11.83
N VAL A 2 3.94 3.11 -12.72
CA VAL A 2 4.13 3.24 -14.16
C VAL A 2 3.04 4.16 -14.70
N GLY A 3 3.41 5.08 -15.59
CA GLY A 3 2.47 6.00 -16.23
C GLY A 3 1.82 6.98 -15.30
N GLY A 4 2.49 7.29 -14.20
CA GLY A 4 1.89 8.22 -13.24
C GLY A 4 2.48 9.62 -13.37
N THR A 5 2.14 10.50 -12.43
CA THR A 5 2.68 11.87 -12.40
C THR A 5 3.02 12.19 -10.95
N ALA A 6 3.81 13.22 -10.75
CA ALA A 6 4.24 13.67 -9.43
C ALA A 6 3.04 14.07 -8.59
N SER A 7 3.06 13.67 -7.32
CA SER A 7 2.03 14.10 -6.41
C SER A 7 2.41 15.51 -5.92
N VAL A 8 1.43 16.20 -5.36
CA VAL A 8 1.64 17.51 -4.75
C VAL A 8 1.81 17.24 -3.24
N ARG A 9 2.61 18.05 -2.53
CA ARG A 9 2.77 17.84 -1.10
C ARG A 9 1.41 17.89 -0.39
N GLY A 10 1.18 16.94 0.51
CA GLY A 10 -0.05 16.86 1.30
C GLY A 10 -1.21 16.19 0.62
N GLU A 11 -1.04 15.75 -0.64
CA GLU A 11 -2.10 15.09 -1.42
C GLU A 11 -2.52 13.72 -0.84
N TRP A 12 -1.54 12.95 -0.33
CA TRP A 12 -1.82 11.58 0.15
C TRP A 12 -1.23 11.49 1.57
N PRO A 13 -1.81 12.21 2.55
CA PRO A 13 -1.16 12.33 3.85
C PRO A 13 -1.15 11.05 4.69
N TRP A 14 -1.82 10.00 4.25
CA TRP A 14 -1.77 8.71 4.95
C TRP A 14 -0.61 7.86 4.41
N GLN A 15 -0.01 8.28 3.29
CA GLN A 15 1.08 7.49 2.66
C GLN A 15 2.36 7.61 3.47
N VAL A 16 2.98 6.47 3.78
CA VAL A 16 4.28 6.46 4.43
C VAL A 16 5.29 5.74 3.57
N THR A 17 6.56 5.95 3.85
CA THR A 17 7.64 5.18 3.26
C THR A 17 8.28 4.42 4.40
N LEU A 18 8.33 3.09 4.27
CA LEU A 18 8.93 2.25 5.29
C LEU A 18 10.32 1.95 4.80
N HIS A 19 11.31 2.20 5.65
CA HIS A 19 12.71 1.96 5.33
C HIS A 19 13.26 0.84 6.17
N THR A 20 14.24 0.12 5.64
CA THR A 20 14.95 -0.86 6.43
C THR A 20 16.35 -0.23 6.64
N THR A 21 17.06 -0.48 7.75
CA THR A 21 18.43 0.05 7.91
C THR A 21 19.48 -1.02 7.63
N SER A 22 19.06 -2.26 7.37
CA SER A 22 19.91 -3.42 7.12
C SER A 22 19.92 -3.92 5.68
N PRO A 23 21.11 -4.06 5.04
CA PRO A 23 22.46 -3.75 5.54
C PRO A 23 22.77 -2.25 5.55
N THR A 24 22.08 -1.48 4.67
CA THR A 24 22.20 -0.02 4.58
C THR A 24 20.77 0.53 4.50
N GLN A 25 20.55 1.81 4.83
CA GLN A 25 19.18 2.31 4.83
C GLN A 25 18.64 2.54 3.45
N ARG A 26 17.45 1.97 3.20
CA ARG A 26 16.81 2.19 1.91
C ARG A 26 15.31 1.98 2.03
N HIS A 27 14.56 2.56 1.10
CA HIS A 27 13.11 2.39 1.07
C HIS A 27 12.83 0.89 0.88
N LEU A 28 11.90 0.35 1.65
CA LEU A 28 11.52 -1.05 1.57
C LEU A 28 10.15 -1.21 0.91
N CYS A 29 9.15 -0.44 1.37
CA CYS A 29 7.77 -0.59 0.96
CA CYS A 29 7.81 -0.52 0.82
C CYS A 29 6.98 0.67 1.26
N GLY A 30 5.77 0.76 0.71
CA GLY A 30 4.84 1.81 1.08
C GLY A 30 4.00 1.30 2.23
N GLY A 31 3.17 2.18 2.78
CA GLY A 31 2.23 1.83 3.83
C GLY A 31 1.25 2.96 4.01
N SER A 32 0.21 2.72 4.83
CA SER A 32 -0.81 3.75 5.09
C SER A 32 -1.03 3.95 6.58
N ILE A 33 -1.16 5.19 6.99
CA ILE A 33 -1.54 5.48 8.38
C ILE A 33 -3.04 5.16 8.51
N ILE A 34 -3.39 4.28 9.46
CA ILE A 34 -4.81 3.99 9.69
C ILE A 34 -5.22 4.33 11.13
N GLY A 35 -4.25 4.61 11.99
CA GLY A 35 -4.53 4.94 13.39
C GLY A 35 -3.33 5.65 13.94
N ASN A 36 -3.41 6.17 15.20
CA ASN A 36 -2.28 7.00 15.65
C ASN A 36 -1.03 6.22 15.99
N GLN A 37 -1.06 4.89 16.03
N GLN A 37 -1.10 4.89 16.09
CA GLN A 37 0.19 4.14 16.21
CA GLN A 37 0.10 4.08 16.29
C GLN A 37 0.19 2.96 15.22
C GLN A 37 0.10 2.92 15.29
N TRP A 38 -0.64 3.05 14.18
CA TRP A 38 -0.80 1.94 13.24
C TRP A 38 -0.60 2.23 11.78
N ILE A 39 0.22 1.39 11.13
CA ILE A 39 0.45 1.46 9.68
C ILE A 39 -0.06 0.16 9.11
N LEU A 40 -0.84 0.25 8.03
CA LEU A 40 -1.27 -0.97 7.32
C LEU A 40 -0.40 -1.09 6.07
N THR A 41 0.12 -2.29 5.81
CA THR A 41 1.02 -2.53 4.69
C THR A 41 0.85 -3.98 4.24
N ALA A 42 1.76 -4.46 3.37
CA ALA A 42 1.69 -5.82 2.85
C ALA A 42 2.60 -6.73 3.64
N ALA A 43 2.13 -7.95 3.91
CA ALA A 43 2.95 -8.93 4.61
C ALA A 43 4.22 -9.28 3.84
N HIS A 44 4.16 -9.32 2.49
CA HIS A 44 5.36 -9.77 1.73
C HIS A 44 6.58 -8.86 1.88
N CYS A 45 6.36 -7.61 2.33
CA CYS A 45 7.42 -6.61 2.60
CA CYS A 45 7.50 -6.71 2.47
C CYS A 45 8.44 -7.15 3.59
N PHE A 46 7.97 -8.01 4.50
CA PHE A 46 8.79 -8.48 5.62
C PHE A 46 9.50 -9.78 5.39
N TYR A 47 9.57 -10.23 4.12
CA TYR A 47 10.33 -11.44 3.78
C TYR A 47 11.78 -11.28 4.29
N GLY A 48 12.24 -12.17 5.14
CA GLY A 48 13.61 -12.02 5.66
C GLY A 48 13.85 -10.92 6.70
N VAL A 49 12.83 -10.07 7.03
CA VAL A 49 12.97 -9.05 8.09
C VAL A 49 12.85 -9.83 9.40
N GLU A 50 13.94 -9.93 10.13
CA GLU A 50 13.98 -10.75 11.35
C GLU A 50 13.54 -10.01 12.60
N SER A 51 13.53 -8.68 12.55
CA SER A 51 13.22 -7.86 13.71
C SER A 51 12.59 -6.51 13.32
N PRO A 52 11.69 -5.95 14.15
CA PRO A 52 11.16 -4.60 13.85
C PRO A 52 12.19 -3.51 14.14
N LYS A 53 13.30 -3.86 14.83
CA LYS A 53 14.36 -2.91 15.19
C LYS A 53 15.07 -2.29 13.99
N ILE A 54 15.04 -2.96 12.84
CA ILE A 54 15.68 -2.45 11.63
C ILE A 54 14.76 -1.53 10.80
N LEU A 55 13.51 -1.34 11.23
CA LEU A 55 12.54 -0.54 10.45
C LEU A 55 12.40 0.89 10.89
N ARG A 56 12.15 1.79 9.94
CA ARG A 56 11.89 3.21 10.21
C ARG A 56 10.71 3.62 9.37
N VAL A 57 9.72 4.22 10.01
CA VAL A 57 8.55 4.69 9.27
C VAL A 57 8.67 6.18 9.12
N TYR A 58 8.62 6.69 7.87
CA TYR A 58 8.63 8.15 7.61
C TYR A 58 7.30 8.60 7.09
N SER A 59 6.69 9.57 7.75
CA SER A 59 5.40 10.10 7.33
C SER A 59 5.63 11.55 6.92
N GLY A 60 4.65 12.14 6.23
CA GLY A 60 4.73 13.53 5.79
C GLY A 60 5.83 13.76 4.77
N ILE A 61 6.16 12.73 4.00
CA ILE A 61 7.22 12.81 3.00
C ILE A 61 6.63 12.94 1.61
N LEU A 62 7.16 13.86 0.80
CA LEU A 62 6.83 13.92 -0.61
C LEU A 62 8.01 13.32 -1.36
N ASN A 63 9.22 13.85 -1.08
CA ASN A 63 10.46 13.47 -1.75
C ASN A 63 11.34 12.65 -0.84
N GLN A 64 11.87 11.54 -1.35
CA GLN A 64 12.79 10.70 -0.60
C GLN A 64 14.03 11.50 -0.18
N SER A 65 14.41 12.56 -0.93
CA SER A 65 15.56 13.43 -0.57
C SER A 65 15.34 14.20 0.75
N GLU A 66 14.08 14.23 1.26
CA GLU A 66 13.80 14.85 2.58
C GLU A 66 14.35 13.97 3.71
N ILE A 67 14.68 12.70 3.40
CA ILE A 67 15.15 11.77 4.42
C ILE A 67 16.66 11.74 4.49
N LYS A 68 17.20 12.17 5.63
CA LYS A 68 18.62 12.15 5.93
C LYS A 68 18.74 11.56 7.32
N GLU A 69 19.98 11.43 7.86
CA GLU A 69 20.20 10.91 9.20
C GLU A 69 19.47 11.73 10.26
N ASP A 70 19.25 13.03 10.03
CA ASP A 70 18.61 13.90 11.03
C ASP A 70 17.08 13.99 10.88
N THR A 71 16.48 13.23 9.93
CA THR A 71 15.02 13.25 9.70
C THR A 71 14.33 12.39 10.74
N SER A 72 13.27 12.93 11.38
CA SER A 72 12.55 12.18 12.39
CA SER A 72 12.54 12.18 12.39
C SER A 72 11.77 11.05 11.73
N PHE A 73 11.60 9.95 12.44
CA PHE A 73 10.87 8.80 11.93
C PHE A 73 10.17 8.15 13.14
N PHE A 74 9.32 7.16 12.87
CA PHE A 74 8.65 6.38 13.90
C PHE A 74 9.31 5.01 13.91
N GLY A 75 9.66 4.57 15.11
CA GLY A 75 10.21 3.23 15.29
C GLY A 75 9.03 2.27 15.28
N VAL A 76 9.30 1.00 15.02
CA VAL A 76 8.27 -0.04 14.99
C VAL A 76 8.45 -0.92 16.21
N GLN A 77 7.39 -1.03 17.01
CA GLN A 77 7.35 -1.83 18.22
C GLN A 77 7.05 -3.29 17.84
N GLU A 78 6.15 -3.50 16.87
CA GLU A 78 5.76 -4.86 16.52
C GLU A 78 5.33 -4.93 15.06
N ILE A 79 5.61 -6.07 14.42
CA ILE A 79 5.16 -6.37 13.05
C ILE A 79 4.09 -7.48 13.22
N ILE A 80 2.87 -7.24 12.76
CA ILE A 80 1.80 -8.24 12.88
C ILE A 80 1.44 -8.69 11.48
N ILE A 81 1.79 -9.92 11.11
CA ILE A 81 1.49 -10.46 9.78
C ILE A 81 0.28 -11.37 9.91
N HIS A 82 -0.66 -11.30 8.96
CA HIS A 82 -1.84 -12.16 9.02
C HIS A 82 -1.35 -13.62 9.17
N ASP A 83 -1.90 -14.40 10.11
CA ASP A 83 -1.29 -15.71 10.26
C ASP A 83 -1.66 -16.74 9.18
N GLN A 84 -2.53 -16.39 8.21
CA GLN A 84 -2.80 -17.29 7.08
C GLN A 84 -1.89 -16.95 5.89
N TYR A 85 -1.13 -15.87 6.01
CA TYR A 85 -0.24 -15.46 4.92
C TYR A 85 0.88 -16.48 4.63
N LYS A 86 0.99 -16.87 3.36
CA LYS A 86 2.09 -17.72 2.88
C LYS A 86 2.87 -16.95 1.80
N MET A 87 2.15 -16.33 0.85
CA MET A 87 2.80 -15.56 -0.22
C MET A 87 1.80 -14.63 -0.86
N ALA A 88 2.28 -13.55 -1.50
CA ALA A 88 1.35 -12.54 -2.07
C ALA A 88 0.33 -13.14 -3.02
N GLU A 89 0.77 -14.05 -3.88
CA GLU A 89 -0.14 -14.63 -4.87
C GLU A 89 -1.24 -15.48 -4.28
N SER A 90 -1.08 -15.95 -3.03
CA SER A 90 -2.13 -16.74 -2.36
C SER A 90 -3.03 -15.91 -1.40
N GLY A 91 -2.84 -14.60 -1.34
CA GLY A 91 -3.71 -13.78 -0.51
C GLY A 91 -3.22 -13.61 0.90
N TYR A 92 -4.09 -12.99 1.76
CA TYR A 92 -3.77 -12.66 3.13
C TYR A 92 -2.53 -11.77 3.17
N ASP A 93 -2.27 -10.97 2.10
CA ASP A 93 -1.04 -10.18 2.05
C ASP A 93 -1.32 -8.88 2.78
N ILE A 94 -1.26 -8.95 4.09
CA ILE A 94 -1.61 -7.82 4.92
C ILE A 94 -0.82 -7.90 6.22
N ALA A 95 -0.37 -6.75 6.68
CA ALA A 95 0.38 -6.66 7.91
C ALA A 95 0.11 -5.33 8.57
N LEU A 96 0.27 -5.30 9.88
CA LEU A 96 0.16 -4.06 10.64
C LEU A 96 1.49 -3.78 11.29
N LEU A 97 1.87 -2.50 11.38
CA LEU A 97 3.04 -2.11 12.15
C LEU A 97 2.51 -1.31 13.29
N LYS A 98 2.88 -1.70 14.52
CA LYS A 98 2.55 -0.94 15.72
C LYS A 98 3.71 -0.03 15.97
N LEU A 99 3.49 1.29 15.96
CA LEU A 99 4.58 2.23 16.13
C LEU A 99 4.96 2.39 17.60
N GLU A 100 6.22 2.72 17.86
CA GLU A 100 6.76 2.90 19.21
C GLU A 100 6.20 4.15 19.87
N THR A 101 5.87 5.16 19.07
CA THR A 101 5.26 6.42 19.55
C THR A 101 4.05 6.73 18.69
N THR A 102 3.26 7.71 19.12
CA THR A 102 2.04 8.17 18.49
C THR A 102 2.30 9.21 17.37
N VAL A 103 1.56 9.10 16.26
CA VAL A 103 1.65 10.05 15.16
C VAL A 103 0.78 11.25 15.58
N GLY A 104 1.34 12.44 15.53
CA GLY A 104 0.56 13.66 15.80
C GLY A 104 -0.06 14.06 14.48
N TYR A 105 -1.38 14.02 14.36
CA TYR A 105 -2.01 14.32 13.08
C TYR A 105 -1.93 15.80 12.70
N GLY A 106 -1.89 16.05 11.41
CA GLY A 106 -1.89 17.40 10.88
C GLY A 106 -2.08 17.33 9.40
N ASP A 107 -1.91 18.46 8.71
CA ASP A 107 -2.11 18.53 7.26
C ASP A 107 -1.09 17.67 6.46
N SER A 108 0.04 17.29 7.05
CA SER A 108 0.99 16.47 6.31
C SER A 108 0.88 14.98 6.61
N GLN A 109 0.20 14.61 7.71
CA GLN A 109 0.13 13.20 8.12
C GLN A 109 -1.14 12.96 8.92
N ARG A 110 -2.01 12.13 8.35
CA ARG A 110 -3.29 11.82 8.96
C ARG A 110 -3.79 10.49 8.45
N PRO A 111 -4.74 9.85 9.15
CA PRO A 111 -5.16 8.51 8.71
C PRO A 111 -6.16 8.51 7.58
N ILE A 112 -6.20 7.39 6.86
CA ILE A 112 -7.18 7.17 5.83
C ILE A 112 -8.26 6.25 6.47
N CYS A 113 -9.54 6.49 6.17
CA CYS A 113 -10.65 5.68 6.64
C CYS A 113 -10.57 4.31 6.01
N LEU A 114 -10.92 3.31 6.79
CA LEU A 114 -11.05 1.97 6.26
C LEU A 114 -12.45 1.86 5.65
N PRO A 115 -12.70 0.96 4.68
CA PRO A 115 -14.06 0.80 4.14
C PRO A 115 -15.03 0.26 5.20
N SER A 116 -16.31 0.60 5.06
CA SER A 116 -17.38 0.12 5.96
C SER A 116 -17.99 -1.17 5.40
N LYS A 117 -18.77 -1.91 6.23
CA LYS A 117 -19.46 -3.15 5.83
C LYS A 117 -20.39 -2.89 4.65
N GLY A 118 -21.04 -1.71 4.65
CA GLY A 118 -21.92 -1.25 3.59
C GLY A 118 -21.17 -0.94 2.30
N ASP A 119 -19.89 -0.53 2.42
CA ASP A 119 -19.00 -0.20 1.30
C ASP A 119 -18.57 -1.42 0.47
N ARG A 120 -18.92 -2.65 0.92
CA ARG A 120 -18.62 -3.89 0.19
C ARG A 120 -19.38 -3.94 -1.14
N ASN A 121 -20.56 -3.26 -1.20
CA ASN A 121 -21.44 -3.19 -2.37
C ASN A 121 -21.23 -1.96 -3.27
N VAL A 122 -20.52 -0.91 -2.79
CA VAL A 122 -20.30 0.32 -3.56
C VAL A 122 -19.34 0.11 -4.74
N ILE A 123 -19.55 0.89 -5.81
CA ILE A 123 -18.73 0.88 -7.02
C ILE A 123 -17.88 2.14 -6.95
N TYR A 124 -16.57 1.97 -6.80
CA TYR A 124 -15.67 3.11 -6.69
C TYR A 124 -15.21 3.44 -8.10
N THR A 125 -15.29 4.72 -8.46
CA THR A 125 -14.91 5.20 -9.79
C THR A 125 -13.76 6.19 -9.76
N ASP A 126 -13.24 6.52 -8.55
CA ASP A 126 -12.15 7.49 -8.46
C ASP A 126 -11.06 6.85 -7.56
N CYS A 127 -10.29 5.92 -8.15
CA CYS A 127 -9.25 5.17 -7.45
CA CYS A 127 -9.25 5.15 -7.47
C CYS A 127 -7.86 5.52 -7.92
N TRP A 128 -6.94 5.66 -6.98
CA TRP A 128 -5.58 6.05 -7.28
C TRP A 128 -4.59 5.15 -6.55
N VAL A 129 -3.49 4.83 -7.22
CA VAL A 129 -2.37 4.07 -6.62
C VAL A 129 -1.19 5.04 -6.51
N THR A 130 -0.48 5.01 -5.39
CA THR A 130 0.60 5.94 -5.12
C THR A 130 1.82 5.22 -4.60
N GLY A 131 2.99 5.79 -4.85
CA GLY A 131 4.21 5.21 -4.33
C GLY A 131 5.46 5.76 -4.96
N TRP A 132 6.60 5.35 -4.41
CA TRP A 132 7.93 5.80 -4.90
C TRP A 132 8.61 4.72 -5.76
N GLY A 133 7.83 3.73 -6.19
CA GLY A 133 8.36 2.60 -6.94
C GLY A 133 8.80 2.94 -8.35
N TYR A 134 9.34 1.92 -9.01
CA TYR A 134 9.87 1.97 -10.37
C TYR A 134 8.83 2.46 -11.35
N ARG A 135 9.28 3.09 -12.44
CA ARG A 135 8.40 3.54 -13.51
C ARG A 135 8.38 2.54 -14.67
N LYS A 136 9.22 1.49 -14.56
CA LYS A 136 9.40 0.37 -15.50
C LYS A 136 10.09 -0.77 -14.78
N LEU A 137 10.05 -2.02 -15.36
CA LEU A 137 10.63 -3.18 -14.71
C LEU A 137 12.06 -3.01 -14.23
N ARG A 138 12.93 -2.40 -15.04
CA ARG A 138 14.32 -2.20 -14.63
C ARG A 138 14.50 -0.71 -14.44
N ASP A 139 14.39 -0.26 -13.19
CA ASP A 139 14.44 1.17 -12.88
C ASP A 139 15.02 1.37 -11.49
N LYS A 140 14.61 2.44 -10.81
CA LYS A 140 15.08 2.72 -9.47
C LYS A 140 13.94 3.38 -8.73
N ILE A 141 14.04 3.43 -7.41
CA ILE A 141 13.06 4.12 -6.55
C ILE A 141 13.07 5.60 -6.95
N GLN A 142 11.89 6.18 -7.10
CA GLN A 142 11.69 7.56 -7.52
C GLN A 142 11.81 8.50 -6.33
N ASN A 143 12.32 9.71 -6.56
CA ASN A 143 12.44 10.67 -5.48
C ASN A 143 11.04 11.16 -5.06
N THR A 144 10.24 11.61 -6.03
CA THR A 144 8.91 12.18 -5.78
C THR A 144 7.83 11.15 -5.77
N LEU A 145 6.97 11.19 -4.73
CA LEU A 145 5.81 10.28 -4.67
C LEU A 145 4.97 10.43 -5.99
N GLN A 146 4.70 9.30 -6.65
CA GLN A 146 3.91 9.30 -7.89
C GLN A 146 2.51 8.84 -7.62
N LYS A 147 1.59 9.20 -8.52
CA LYS A 147 0.20 8.81 -8.44
C LYS A 147 -0.30 8.43 -9.80
N ALA A 148 -1.24 7.49 -9.85
CA ALA A 148 -1.89 7.09 -11.10
C ALA A 148 -3.32 6.75 -10.80
N LYS A 149 -4.24 7.25 -11.64
CA LYS A 149 -5.66 6.93 -11.50
C LYS A 149 -5.90 5.65 -12.30
N ILE A 150 -6.51 4.65 -11.66
CA ILE A 150 -6.71 3.34 -12.33
C ILE A 150 -8.11 2.81 -12.05
N PRO A 151 -8.77 2.18 -13.04
CA PRO A 151 -10.13 1.66 -12.78
C PRO A 151 -10.08 0.32 -12.06
N LEU A 152 -11.07 0.06 -11.22
CA LEU A 152 -11.20 -1.25 -10.58
C LEU A 152 -11.72 -2.23 -11.63
N VAL A 153 -11.30 -3.49 -11.51
CA VAL A 153 -11.65 -4.56 -12.44
C VAL A 153 -12.47 -5.59 -11.64
N THR A 154 -13.56 -6.17 -12.20
CA THR A 154 -14.31 -7.17 -11.43
C THR A 154 -13.46 -8.42 -11.14
N ASN A 155 -13.85 -9.18 -10.12
CA ASN A 155 -13.19 -10.44 -9.80
C ASN A 155 -13.22 -11.41 -11.00
N GLU A 156 -14.38 -11.51 -11.69
CA GLU A 156 -14.52 -12.40 -12.87
C GLU A 156 -13.56 -12.01 -13.98
N GLU A 157 -13.44 -10.71 -14.28
CA GLU A 157 -12.51 -10.25 -15.30
C GLU A 157 -11.05 -10.50 -14.86
N CYS A 158 -10.73 -10.20 -13.58
CA CYS A 158 -9.38 -10.40 -13.09
C CYS A 158 -9.00 -11.88 -13.15
N GLN A 159 -9.93 -12.78 -12.80
CA GLN A 159 -9.66 -14.22 -12.87
C GLN A 159 -9.33 -14.67 -14.32
N LYS A 160 -10.06 -14.13 -15.33
CA LYS A 160 -9.80 -14.43 -16.75
C LYS A 160 -8.40 -13.99 -17.14
N ARG A 161 -7.90 -12.90 -16.53
CA ARG A 161 -6.58 -12.33 -16.83
C ARG A 161 -5.43 -13.11 -16.21
N TYR A 162 -5.72 -13.88 -15.16
CA TYR A 162 -4.73 -14.64 -14.38
C TYR A 162 -5.05 -16.11 -14.38
N ARG A 163 -5.02 -16.72 -15.57
CA ARG A 163 -5.23 -18.16 -15.72
C ARG A 163 -4.10 -18.84 -14.94
N GLY A 164 -4.44 -19.81 -14.14
CA GLY A 164 -3.41 -20.49 -13.37
C GLY A 164 -3.27 -19.95 -11.98
N HIS A 165 -3.91 -18.80 -11.65
CA HIS A 165 -3.96 -18.29 -10.28
C HIS A 165 -5.38 -18.40 -9.78
N LYS A 166 -5.56 -18.34 -8.47
CA LYS A 166 -6.90 -18.30 -7.92
C LYS A 166 -7.10 -16.88 -7.38
N ILE A 167 -7.88 -16.07 -8.11
CA ILE A 167 -8.18 -14.71 -7.69
C ILE A 167 -9.42 -14.78 -6.80
N THR A 168 -9.23 -14.57 -5.50
CA THR A 168 -10.34 -14.69 -4.53
C THR A 168 -11.00 -13.33 -4.32
N HIS A 169 -12.14 -13.30 -3.60
CA HIS A 169 -12.80 -12.04 -3.27
C HIS A 169 -12.04 -11.28 -2.16
N LYS A 170 -10.96 -11.90 -1.59
CA LYS A 170 -10.09 -11.18 -0.64
C LYS A 170 -9.02 -10.40 -1.40
N MET A 171 -9.08 -10.44 -2.73
CA MET A 171 -8.21 -9.65 -3.63
C MET A 171 -9.09 -8.72 -4.44
N ILE A 172 -8.56 -7.58 -4.85
CA ILE A 172 -9.28 -6.64 -5.70
C ILE A 172 -8.29 -6.21 -6.76
N CYS A 173 -8.72 -6.19 -8.02
CA CYS A 173 -7.83 -5.87 -9.11
C CYS A 173 -8.09 -4.53 -9.71
N ALA A 174 -7.05 -3.95 -10.29
CA ALA A 174 -7.22 -2.61 -10.90
C ALA A 174 -6.25 -2.43 -12.04
N GLY A 175 -6.70 -1.77 -13.08
CA GLY A 175 -5.83 -1.52 -14.23
C GLY A 175 -6.63 -1.40 -15.51
N TYR A 176 -6.03 -0.78 -16.51
CA TYR A 176 -6.66 -0.58 -17.83
C TYR A 176 -6.46 -1.82 -18.65
N ARG A 177 -7.45 -2.22 -19.45
CA ARG A 177 -7.29 -3.40 -20.30
C ARG A 177 -6.04 -3.28 -21.20
N GLU A 178 -5.76 -2.07 -21.71
CA GLU A 178 -4.62 -1.86 -22.59
C GLU A 178 -3.30 -1.68 -21.83
N GLY A 179 -3.35 -1.71 -20.49
CA GLY A 179 -2.16 -1.48 -19.67
C GLY A 179 -1.77 -0.02 -19.61
N GLY A 180 -0.54 0.24 -19.19
CA GLY A 180 -0.01 1.60 -19.18
C GLY A 180 0.08 2.28 -17.84
N LYS A 181 -0.81 1.93 -16.88
CA LYS A 181 -0.78 2.58 -15.55
C LYS A 181 -0.91 1.52 -14.51
N ASP A 182 0.03 1.47 -13.58
CA ASP A 182 0.02 0.38 -12.58
C ASP A 182 1.03 0.67 -11.50
N ALA A 183 0.98 -0.13 -10.44
CA ALA A 183 2.01 -0.11 -9.45
C ALA A 183 3.19 -0.91 -10.02
N CYS A 184 4.38 -0.70 -9.48
CA CYS A 184 5.55 -1.44 -9.88
CA CYS A 184 5.57 -1.42 -9.90
C CYS A 184 6.46 -1.68 -8.68
N LYS A 185 7.65 -2.25 -8.85
CA LYS A 185 8.55 -2.56 -7.72
C LYS A 185 8.82 -1.37 -6.81
N GLY A 186 8.61 -1.55 -5.51
CA GLY A 186 8.83 -0.47 -4.53
C GLY A 186 7.51 0.18 -4.12
N ASP A 187 6.43 -0.13 -4.86
CA ASP A 187 5.09 0.40 -4.51
C ASP A 187 4.32 -0.51 -3.56
N SER A 188 4.71 -1.78 -3.47
CA SER A 188 3.91 -2.70 -2.64
C SER A 188 3.78 -2.24 -1.20
N GLY A 189 2.65 -2.58 -0.61
CA GLY A 189 2.33 -2.17 0.76
C GLY A 189 1.62 -0.83 0.80
N GLY A 190 1.76 -0.04 -0.27
CA GLY A 190 1.14 1.26 -0.35
C GLY A 190 -0.37 1.15 -0.60
N PRO A 191 -1.07 2.29 -0.54
CA PRO A 191 -2.54 2.25 -0.69
C PRO A 191 -3.06 2.28 -2.12
N LEU A 192 -4.27 1.77 -2.28
CA LEU A 192 -5.11 1.96 -3.46
C LEU A 192 -6.24 2.76 -2.77
N SER A 193 -6.24 4.09 -2.97
CA SER A 193 -7.14 5.01 -2.28
C SER A 193 -8.27 5.39 -3.21
N CYS A 194 -9.53 5.26 -2.74
CA CYS A 194 -10.70 5.58 -3.55
CA CYS A 194 -10.70 5.59 -3.56
C CYS A 194 -11.56 6.62 -2.86
N LYS A 195 -12.01 7.62 -3.59
CA LYS A 195 -12.84 8.68 -3.02
C LYS A 195 -14.29 8.33 -3.23
N HIS A 196 -15.07 8.28 -2.16
CA HIS A 196 -16.49 7.97 -2.22
C HIS A 196 -17.23 8.88 -1.27
N ASN A 197 -18.22 9.66 -1.78
CA ASN A 197 -19.00 10.63 -1.01
C ASN A 197 -18.07 11.65 -0.34
N GLU A 198 -17.08 12.17 -1.11
CA GLU A 198 -16.06 13.15 -0.72
C GLU A 198 -15.06 12.66 0.37
N VAL A 199 -15.05 11.34 0.66
CA VAL A 199 -14.16 10.78 1.70
C VAL A 199 -13.25 9.74 1.04
N TRP A 200 -11.97 9.76 1.37
CA TRP A 200 -11.02 8.79 0.84
C TRP A 200 -11.09 7.51 1.66
N HIS A 201 -11.11 6.36 0.98
CA HIS A 201 -11.15 5.08 1.67
C HIS A 201 -9.99 4.26 1.22
N LEU A 202 -9.43 3.49 2.13
CA LEU A 202 -8.33 2.59 1.81
C LEU A 202 -8.95 1.30 1.29
N VAL A 203 -9.04 1.19 -0.01
CA VAL A 203 -9.70 0.05 -0.63
C VAL A 203 -8.78 -1.12 -0.84
N GLY A 204 -7.56 -0.84 -1.24
CA GLY A 204 -6.61 -1.91 -1.51
C GLY A 204 -5.24 -1.66 -0.94
N ILE A 205 -4.46 -2.74 -0.83
CA ILE A 205 -3.04 -2.65 -0.47
C ILE A 205 -2.31 -3.24 -1.68
N THR A 206 -1.40 -2.44 -2.27
CA THR A 206 -0.59 -2.90 -3.43
C THR A 206 0.11 -4.22 -3.12
N SER A 207 -0.17 -5.28 -3.93
CA SER A 207 0.34 -6.58 -3.61
C SER A 207 1.17 -7.22 -4.72
N TRP A 208 0.57 -7.58 -5.84
CA TRP A 208 1.39 -8.24 -6.89
C TRP A 208 0.77 -8.08 -8.28
N GLY A 209 1.50 -8.50 -9.29
CA GLY A 209 0.96 -8.51 -10.66
C GLY A 209 1.96 -9.19 -11.56
N GLU A 210 1.57 -9.56 -12.79
CA GLU A 210 2.54 -10.17 -13.69
C GLU A 210 3.14 -9.03 -14.51
N GLY A 211 4.38 -8.68 -14.21
CA GLY A 211 5.09 -7.56 -14.84
C GLY A 211 4.45 -6.26 -14.35
N CYS A 212 4.72 -5.15 -15.03
CA CYS A 212 4.16 -3.86 -14.61
CA CYS A 212 4.09 -3.91 -14.59
C CYS A 212 3.36 -3.21 -15.73
N ALA A 213 2.12 -2.86 -15.47
CA ALA A 213 1.25 -2.16 -16.41
C ALA A 213 1.14 -2.85 -17.76
N GLN A 214 1.20 -4.18 -17.79
CA GLN A 214 1.06 -4.85 -19.08
C GLN A 214 -0.41 -4.91 -19.48
N ARG A 215 -0.65 -4.96 -20.78
CA ARG A 215 -2.00 -5.13 -21.28
C ARG A 215 -2.61 -6.40 -20.68
N GLU A 216 -3.87 -6.34 -20.25
CA GLU A 216 -4.63 -7.47 -19.71
C GLU A 216 -3.99 -8.17 -18.49
N ARG A 217 -3.20 -7.42 -17.73
CA ARG A 217 -2.56 -7.93 -16.50
C ARG A 217 -2.81 -6.88 -15.42
N PRO A 218 -4.01 -6.81 -14.86
CA PRO A 218 -4.23 -5.76 -13.86
C PRO A 218 -3.42 -6.02 -12.58
N GLY A 219 -3.18 -4.97 -11.81
CA GLY A 219 -2.49 -5.10 -10.54
C GLY A 219 -3.43 -5.78 -9.59
N VAL A 220 -2.89 -6.56 -8.64
CA VAL A 220 -3.68 -7.31 -7.66
C VAL A 220 -3.42 -6.71 -6.30
N TYR A 221 -4.49 -6.36 -5.60
CA TYR A 221 -4.43 -5.67 -4.34
C TYR A 221 -5.12 -6.46 -3.26
N THR A 222 -4.64 -6.34 -2.02
CA THR A 222 -5.38 -6.95 -0.91
C THR A 222 -6.70 -6.18 -0.78
N ASN A 223 -7.84 -6.88 -0.71
CA ASN A 223 -9.16 -6.22 -0.65
C ASN A 223 -9.47 -5.87 0.80
N VAL A 224 -9.13 -4.65 1.20
CA VAL A 224 -9.13 -4.19 2.61
C VAL A 224 -10.48 -4.41 3.32
N VAL A 225 -11.60 -4.18 2.64
CA VAL A 225 -12.94 -4.34 3.25
C VAL A 225 -13.09 -5.76 3.84
N GLU A 226 -12.47 -6.78 3.20
CA GLU A 226 -12.51 -8.18 3.69
C GLU A 226 -11.64 -8.42 4.91
N TYR A 227 -10.84 -7.44 5.34
CA TYR A 227 -9.95 -7.59 6.49
C TYR A 227 -10.25 -6.59 7.59
N VAL A 228 -11.35 -5.84 7.49
CA VAL A 228 -11.65 -4.85 8.53
C VAL A 228 -11.78 -5.55 9.91
N ASP A 229 -12.45 -6.70 9.99
CA ASP A 229 -12.54 -7.40 11.28
C ASP A 229 -11.18 -7.82 11.82
N TRP A 230 -10.28 -8.29 10.93
CA TRP A 230 -8.92 -8.64 11.34
C TRP A 230 -8.18 -7.40 11.86
N ILE A 231 -8.28 -6.29 11.15
CA ILE A 231 -7.57 -5.07 11.58
C ILE A 231 -8.07 -4.64 12.97
N LEU A 232 -9.40 -4.64 13.16
CA LEU A 232 -9.96 -4.26 14.48
C LEU A 232 -9.57 -5.24 15.56
N GLU A 233 -9.49 -6.54 15.23
CA GLU A 233 -9.03 -7.53 16.22
C GLU A 233 -7.63 -7.19 16.72
N LYS A 234 -6.75 -6.81 15.79
CA LYS A 234 -5.37 -6.54 16.16
C LYS A 234 -5.17 -5.16 16.76
N THR A 235 -5.90 -4.16 16.28
CA THR A 235 -5.68 -2.78 16.76
C THR A 235 -6.54 -2.42 17.98
N GLN A 236 -7.66 -3.14 18.19
CA GLN A 236 -8.59 -2.84 19.29
C GLN A 236 -8.58 -3.94 20.35
N ALA A 237 -7.50 -4.73 20.43
CA ALA A 237 -7.33 -5.80 21.39
C ALA A 237 -7.47 -5.26 22.83
N VAL A 238 -8.12 -6.04 23.72
CA VAL A 238 -8.33 -5.59 25.11
C VAL A 238 -7.07 -5.79 25.97
C18 QLJ B . 11.68 -5.08 -1.70
C17 QLJ B . 10.04 -4.35 -4.49
C16 QLJ B . 11.37 -4.24 -4.91
C15 QLJ B . 11.83 -5.15 -5.86
C19 QLJ B . 15.63 0.57 -3.16
C22 QLJ B . 17.12 2.37 -2.78
C23 QLJ B . 8.00 -6.97 -3.55
C24 QLJ B . 9.18 -7.03 -2.54
C11 QLJ B . 7.91 -5.65 -4.33
C34 QLJ B . 1.36 -4.88 -9.91
C27 QLJ B . 6.21 -4.41 -5.53
C33 QLJ B . 2.57 -5.36 -10.42
CL1 QLJ B . -0.31 -4.22 -7.88
C2 QLJ B . 12.21 -2.92 -2.90
C3 QLJ B . 12.27 -3.24 -4.28
C4 QLJ B . 13.14 -2.50 -5.10
C5 QLJ B . 13.92 -1.48 -4.58
C6 QLJ B . 13.82 -1.14 -3.24
C7 QLJ B . 12.97 -1.85 -2.41
N8 QLJ B . 11.43 -3.68 -2.02
N9 QLJ B . 14.59 -0.11 -2.62
C10 QLJ B . 9.25 -5.38 -4.98
N12 QLJ B . 6.79 -5.60 -5.28
N13 QLJ B . 9.69 -6.26 -5.89
C14 QLJ B . 10.96 -6.13 -6.31
O20 QLJ B . 16.15 0.36 -4.23
O21 QLJ B . 16.00 1.56 -2.33
C25 QLJ B . 9.21 -5.90 -1.50
C26 QLJ B . 10.56 -5.67 -0.80
C28 QLJ B . 5.08 -4.42 -6.48
O29 QLJ B . 6.60 -3.38 -5.00
C30 QLJ B . 4.67 -5.38 -7.28
C31 QLJ B . 3.56 -5.22 -8.23
C32 QLJ B . 3.65 -5.57 -9.58
C35 QLJ B . 1.24 -4.64 -8.56
C36 QLJ B . 2.32 -4.79 -7.71
N37 QLJ B . 4.90 -5.99 -10.11
C38 QLJ B . 5.25 -6.90 -11.04
N39 QLJ B . 6.51 -6.78 -11.33
N40 QLJ B . 6.95 -5.72 -10.61
N41 QLJ B . 6.00 -5.23 -9.88
C42 QLJ B . 13.03 -5.34 -1.04
O43 QLJ B . 13.58 -6.39 -1.05
O44 QLJ B . 13.50 -4.24 -0.43
C45 QLJ B . 15.25 -2.95 0.60
C46 QLJ B . 14.80 -4.34 0.23
H57 QLJ B . 11.67 -5.66 -2.62
H56 QLJ B . 9.64 -3.58 -3.83
H55 QLJ B . 12.85 -5.10 -6.23
H58 QLJ B . 17.14 3.18 -2.06
H59 QLJ B . 16.96 2.78 -3.78
H60 QLJ B . 18.06 1.82 -2.76
H62 QLJ B . 7.05 -7.22 -3.10
H61 QLJ B . 8.12 -7.77 -4.28
H63 QLJ B . 10.14 -7.17 -3.01
H64 QLJ B . 9.07 -7.97 -2.00
H52 QLJ B . 7.75 -4.88 -3.58
H72 QLJ B . 0.52 -4.68 -10.57
H71 QLJ B . 2.61 -5.54 -11.50
H47 QLJ B . 13.20 -2.74 -6.16
H48 QLJ B . 14.58 -1.00 -5.31
H49 QLJ B . 12.90 -1.61 -1.36
H50 QLJ B . 10.87 -3.16 -1.35
H51 QLJ B . 14.29 0.14 -1.69
H53 QLJ B . 6.52 -6.49 -5.69
H54 QLJ B . 11.28 -6.86 -7.04
H65 QLJ B . 8.47 -6.11 -0.73
H66 QLJ B . 8.88 -4.93 -1.90
H67 QLJ B . 10.89 -6.60 -0.35
H68 QLJ B . 10.43 -5.00 0.04
H69 QLJ B . 4.53 -3.48 -6.53
H70 QLJ B . 5.13 -6.36 -7.31
H73 QLJ B . 2.22 -4.60 -6.64
H74 QLJ B . 4.60 -7.65 -11.48
H76 QLJ B . 16.18 -2.96 1.15
H75 QLJ B . 14.50 -2.47 1.23
H77 QLJ B . 15.38 -2.31 -0.28
H78 QLJ B . 15.53 -4.81 -0.43
H79 QLJ B . 14.70 -5.00 1.09
S SO4 C . 2.32 13.55 0.09
O1 SO4 C . 2.99 12.35 0.50
O2 SO4 C . 1.92 13.53 -1.33
O3 SO4 C . 1.07 13.66 0.92
O4 SO4 C . 3.26 14.70 0.31
S SO4 D . -11.90 -11.57 -23.34
O1 SO4 D . -12.55 -12.72 -23.97
O2 SO4 D . -10.66 -12.02 -22.74
O3 SO4 D . -12.77 -11.02 -22.30
O4 SO4 D . -11.65 -10.55 -24.34
C1 EDO E . 9.77 -9.01 -8.26
O1 EDO E . 9.11 -9.52 -9.39
C2 EDO E . 8.78 -9.04 -7.08
O2 EDO E . 7.76 -8.10 -7.32
C1 EDO F . -3.94 13.06 17.08
O1 EDO F . -2.83 13.87 16.72
C2 EDO F . -3.54 11.57 16.95
O2 EDO F . -2.35 11.29 17.67
C1 EDO G . 6.09 21.69 -1.32
O1 EDO G . 5.28 22.79 -1.69
C2 EDO G . 7.00 21.17 -2.48
O2 EDO G . 8.09 20.43 -1.94
C1 EDO H . 7.01 -10.59 -12.62
O1 EDO H . 5.77 -10.06 -12.21
C2 EDO H . 7.92 -9.42 -13.06
O2 EDO H . 8.49 -8.79 -11.93
C1 EDO I . 4.29 -12.02 -9.03
O1 EDO I . 5.30 -11.12 -9.47
C2 EDO I . 3.62 -12.66 -10.28
O2 EDO I . 4.60 -13.40 -10.98
C1 EDO J . -13.03 -17.31 -3.33
O1 EDO J . -13.75 -16.58 -4.32
C2 EDO J . -13.51 -16.89 -1.93
O2 EDO J . -13.40 -15.48 -1.77
C1 EDO K . 18.45 7.96 3.23
O1 EDO K . 18.05 6.85 2.45
C2 EDO K . 19.05 7.45 4.56
O2 EDO K . 19.42 8.54 5.39
C1 EDO L . -8.77 -6.09 -17.03
O1 EDO L . -8.82 -6.62 -18.34
C2 EDO L . -7.58 -5.14 -16.96
O2 EDO L . -6.51 -5.79 -17.59
C1 EDO M . -13.30 -7.40 -5.24
O1 EDO M . -13.64 -7.11 -6.58
C2 EDO M . -13.67 -8.85 -4.90
O2 EDO M . -15.06 -9.05 -5.15
C1 EDO N . -6.65 13.73 -6.62
O1 EDO N . -5.96 14.08 -5.42
C2 EDO N . -5.59 13.33 -7.67
O2 EDO N . -4.88 14.44 -8.25
C1 EDO O . -8.26 1.42 12.55
O1 EDO O . -9.63 1.73 12.73
C2 EDO O . -7.62 1.13 13.92
O2 EDO O . -7.02 2.31 14.44
C1 EDO P . 11.76 -9.16 -4.53
O1 EDO P . 11.49 -10.26 -5.39
C2 EDO P . 13.15 -9.31 -3.88
O2 EDO P . 14.07 -8.43 -4.49
C1 EDO Q . 4.66 -13.84 -4.42
O1 EDO Q . 3.54 -14.72 -4.34
C2 EDO Q . 5.61 -14.05 -3.21
O2 EDO Q . 5.23 -13.24 -2.10
#